data_6QE1
#
_entry.id   6QE1
#
_cell.length_a   73.880
_cell.length_b   77.320
_cell.length_c   65.350
_cell.angle_alpha   90.00
_cell.angle_beta   90.00
_cell.angle_gamma   90.00
#
_symmetry.space_group_name_H-M   'P 21 21 21'
#
loop_
_entity.id
_entity.type
_entity.pdbx_description
1 polymer 'Mitogen-activated protein kinase 14'
2 non-polymer 2-fluoro-4-[4-(4-fluorophenyl)-1H-pyrazol-3-yl]pyridine
3 non-polymer 1-[5-~{tert}-butyl-2-(4-methylphenyl)pyrazol-3-yl]-3-[(1~{S},4~{R})-4-[(3-propan-2-yl-[1,2,4]triazolo[4,3-a]pyridin-6-yl)oxy]-1,2,3,4-tetrahydronaphthalen-1-yl]urea
4 water water
#
_entity_poly.entity_id   1
_entity_poly.type   'polypeptide(L)'
_entity_poly.pdbx_seq_one_letter_code
;GSMSQERPTFYRQELNKTIWEVPERYQNLSPVGSGAYGSVCAAFDTKTGLRVAVKKLSRPFQSIIHAKRTYRELRLLKHM
KHENVIGLLDVFTPARSLEEFNDVYLVTHLMGADLNNIVKCQKLTDDHVQFLIYQILRGLKYIHSADIIHRDLKPSNLAV
NEDCELKILDFGLARHTDDEMTGYVATRWYRAPEIMLNWMHYNQTVDIWSVGCIMAELLTGRTLFPGTDHIDQLKLILRL
VGTPGAELLKKISSESARNYIQSLTQMPKMNFANVFIGANPLAVDLLEKMLVLDSDKRITAAQALAHAYFAQYHDPDDEP
VADPYDQSFESRDLLIDEWKSLTYDEVISFVPPPLDQEEMES
;
_entity_poly.pdbx_strand_id   A
#
loop_
_chem_comp.id
_chem_comp.type
_chem_comp.name
_chem_comp.formula
HYW non-polymer 1-[5-~{tert}-butyl-2-(4-methylphenyl)pyrazol-3-yl]-3-[(1~{S},4~{R})-4-[(3-propan-2-yl-[1,2,4]triazolo[4,3-a]pyridin-6-yl)oxy]-1,2,3,4-tetrahydronaphthalen-1-yl]urea 'C34 H39 N7 O2'
I46 non-polymer 2-fluoro-4-[4-(4-fluorophenyl)-1H-pyrazol-3-yl]pyridine 'C14 H9 F2 N3'
#
# COMPACT_ATOMS: atom_id res chain seq x y z
N ARG A 7 -21.90 20.61 16.40
CA ARG A 7 -22.05 19.45 15.48
C ARG A 7 -22.55 19.96 14.13
N PRO A 8 -21.85 19.65 13.02
CA PRO A 8 -22.31 20.10 11.70
C PRO A 8 -23.70 19.60 11.33
N THR A 9 -24.29 20.23 10.29
CA THR A 9 -25.57 19.82 9.64
C THR A 9 -25.26 18.81 8.53
N PHE A 10 -25.88 17.64 8.58
CA PHE A 10 -25.68 16.58 7.56
C PHE A 10 -26.77 16.73 6.52
N TYR A 11 -26.52 16.27 5.30
CA TYR A 11 -27.59 16.01 4.33
C TYR A 11 -27.39 14.61 3.79
N ARG A 12 -28.47 14.07 3.24
CA ARG A 12 -28.59 12.64 2.89
C ARG A 12 -28.81 12.58 1.39
N GLN A 13 -28.13 11.69 0.69
CA GLN A 13 -28.48 11.38 -0.70
C GLN A 13 -28.14 9.91 -0.96
N GLU A 14 -28.65 9.40 -2.08
CA GLU A 14 -28.35 8.04 -2.57
C GLU A 14 -27.48 8.19 -3.80
N LEU A 15 -26.38 7.47 -3.86
CA LEU A 15 -25.47 7.38 -5.03
C LEU A 15 -25.15 5.89 -5.21
N ASN A 16 -25.65 5.28 -6.29
CA ASN A 16 -25.35 3.87 -6.67
C ASN A 16 -25.76 2.91 -5.57
N LYS A 17 -27.04 2.91 -5.22
CA LYS A 17 -27.56 1.96 -4.21
C LYS A 17 -27.00 2.31 -2.82
N THR A 18 -26.06 3.26 -2.68
CA THR A 18 -25.43 3.59 -1.37
C THR A 18 -26.02 4.91 -0.87
N ILE A 19 -26.43 4.97 0.40
CA ILE A 19 -26.79 6.23 1.11
C ILE A 19 -25.50 6.90 1.60
N TRP A 20 -25.36 8.19 1.30
CA TRP A 20 -24.32 9.08 1.88
C TRP A 20 -25.00 10.15 2.71
N GLU A 21 -24.66 10.20 3.99
CA GLU A 21 -25.08 11.25 4.93
C GLU A 21 -23.79 11.94 5.40
N VAL A 22 -23.52 13.12 4.84
CA VAL A 22 -22.25 13.86 5.10
C VAL A 22 -22.55 15.31 5.47
N PRO A 23 -21.61 15.99 6.14
CA PRO A 23 -21.75 17.40 6.43
C PRO A 23 -21.93 18.20 5.13
N GLU A 24 -22.69 19.29 5.23
CA GLU A 24 -22.93 20.23 4.11
C GLU A 24 -21.62 20.83 3.61
N ARG A 25 -20.57 20.85 4.43
CA ARG A 25 -19.19 21.22 4.05
C ARG A 25 -18.80 20.55 2.72
N TYR A 26 -19.23 19.31 2.53
CA TYR A 26 -18.80 18.45 1.40
C TYR A 26 -19.91 18.47 0.35
N GLN A 27 -19.59 18.98 -0.85
CA GLN A 27 -20.57 19.25 -1.92
C GLN A 27 -20.20 18.46 -3.17
N ASN A 28 -21.13 18.30 -4.09
CA ASN A 28 -20.81 17.72 -5.43
C ASN A 28 -20.31 16.27 -5.29
N LEU A 29 -20.93 15.43 -4.48
CA LEU A 29 -20.38 14.06 -4.31
C LEU A 29 -20.56 13.33 -5.63
N SER A 30 -19.53 12.66 -6.13
CA SER A 30 -19.61 11.84 -7.34
C SER A 30 -18.81 10.55 -7.12
N PRO A 31 -19.42 9.36 -7.33
CA PRO A 31 -18.73 8.08 -7.16
C PRO A 31 -17.38 7.99 -7.87
N VAL A 32 -16.45 7.21 -7.33
CA VAL A 32 -15.23 6.78 -8.09
C VAL A 32 -15.01 5.26 -7.98
N GLY A 33 -15.20 4.64 -6.79
CA GLY A 33 -14.90 3.22 -6.49
C GLY A 33 -16.15 2.35 -6.41
N GLY A 38 -16.32 -0.89 1.53
CA GLY A 38 -16.30 0.58 1.29
C GLY A 38 -16.68 0.96 -0.13
N SER A 39 -17.26 2.13 -0.28
CA SER A 39 -17.37 2.84 -1.56
C SER A 39 -16.81 4.24 -1.34
N VAL A 40 -16.41 4.85 -2.43
CA VAL A 40 -15.63 6.11 -2.41
C VAL A 40 -16.30 7.11 -3.33
N CYS A 41 -16.38 8.35 -2.88
CA CYS A 41 -16.92 9.50 -3.66
C CYS A 41 -15.82 10.55 -3.75
N ALA A 42 -15.73 11.28 -4.88
CA ALA A 42 -15.04 12.57 -4.95
C ALA A 42 -16.04 13.62 -4.48
N ALA A 43 -15.56 14.66 -3.80
CA ALA A 43 -16.36 15.81 -3.31
C ALA A 43 -15.52 17.09 -3.31
N PHE A 44 -16.21 18.18 -3.17
CA PHE A 44 -15.59 19.50 -3.01
C PHE A 44 -15.68 19.89 -1.53
N ASP A 45 -14.56 20.16 -0.89
CA ASP A 45 -14.52 20.60 0.53
C ASP A 45 -14.61 22.14 0.53
N THR A 46 -15.80 22.67 0.82
CA THR A 46 -16.11 24.12 0.77
C THR A 46 -15.28 24.87 1.83
N LYS A 47 -14.82 24.16 2.87
CA LYS A 47 -14.02 24.79 3.96
C LYS A 47 -12.62 25.13 3.47
N THR A 48 -12.01 24.30 2.62
CA THR A 48 -10.59 24.45 2.23
C THR A 48 -10.47 24.86 0.76
N GLY A 49 -11.51 24.64 -0.04
CA GLY A 49 -11.43 24.87 -1.49
C GLY A 49 -10.70 23.75 -2.22
N LEU A 50 -10.40 22.60 -1.58
CA LEU A 50 -9.73 21.46 -2.29
C LEU A 50 -10.71 20.31 -2.54
N ARG A 51 -10.38 19.49 -3.50
CA ARG A 51 -11.18 18.29 -3.82
C ARG A 51 -10.72 17.15 -2.92
N VAL A 52 -11.67 16.37 -2.43
CA VAL A 52 -11.41 15.29 -1.44
C VAL A 52 -12.00 14.00 -1.98
N ALA A 53 -11.48 12.89 -1.47
CA ALA A 53 -12.07 11.55 -1.59
C ALA A 53 -12.66 11.18 -0.21
N VAL A 54 -13.89 10.68 -0.26
CA VAL A 54 -14.59 10.28 0.97
C VAL A 54 -14.90 8.79 0.87
N LYS A 55 -14.41 8.03 1.85
CA LYS A 55 -14.68 6.57 1.89
C LYS A 55 -15.76 6.34 2.96
N LYS A 56 -16.83 5.68 2.57
CA LYS A 56 -17.84 5.24 3.54
C LYS A 56 -17.60 3.77 3.88
N LEU A 57 -17.44 3.44 5.15
CA LEU A 57 -17.16 2.01 5.51
C LEU A 57 -18.47 1.24 5.39
N SER A 58 -18.45 0.11 4.72
CA SER A 58 -19.69 -0.68 4.52
C SER A 58 -19.94 -1.49 5.82
N ARG A 59 -21.03 -1.21 6.52
CA ARG A 59 -21.51 -1.95 7.74
C ARG A 59 -20.32 -2.38 8.60
N PRO A 60 -19.75 -1.34 9.22
CA PRO A 60 -18.44 -1.46 9.85
C PRO A 60 -18.43 -2.40 11.08
N PHE A 61 -19.59 -2.73 11.65
CA PHE A 61 -19.70 -3.59 12.86
C PHE A 61 -20.53 -4.85 12.56
N GLN A 62 -20.45 -5.41 11.35
CA GLN A 62 -21.25 -6.61 10.91
C GLN A 62 -20.73 -7.90 11.60
N SER A 63 -19.47 -7.88 12.06
CA SER A 63 -18.78 -9.03 12.65
C SER A 63 -17.61 -8.50 13.50
N ILE A 64 -17.03 -9.35 14.34
CA ILE A 64 -15.82 -9.01 15.15
C ILE A 64 -14.69 -8.65 14.17
N ILE A 65 -14.52 -9.37 13.06
CA ILE A 65 -13.45 -9.08 12.06
C ILE A 65 -13.71 -7.74 11.34
N HIS A 66 -14.93 -7.44 10.90
CA HIS A 66 -15.23 -6.11 10.34
C HIS A 66 -14.93 -5.05 11.40
N ALA A 67 -15.39 -5.26 12.63
CA ALA A 67 -15.31 -4.24 13.68
C ALA A 67 -13.81 -3.95 13.92
N LYS A 68 -13.01 -5.00 13.98
CA LYS A 68 -11.55 -4.84 14.20
C LYS A 68 -10.89 -4.19 12.98
N ARG A 69 -11.33 -4.52 11.77
CA ARG A 69 -10.85 -3.85 10.54
C ARG A 69 -11.16 -2.36 10.54
N THR A 70 -12.36 -2.04 11.02
CA THR A 70 -12.83 -0.65 11.09
C THR A 70 -11.86 0.14 11.97
N TYR A 71 -11.63 -0.40 13.16
CA TYR A 71 -10.73 0.23 14.14
C TYR A 71 -9.32 0.34 13.56
N ARG A 72 -8.84 -0.75 12.95
CA ARG A 72 -7.46 -0.83 12.41
C ARG A 72 -7.26 0.29 11.37
N GLU A 73 -8.20 0.46 10.43
CA GLU A 73 -8.03 1.45 9.36
C GLU A 73 -8.07 2.86 9.93
N LEU A 74 -9.01 3.16 10.82
CA LEU A 74 -9.10 4.49 11.43
C LEU A 74 -7.80 4.76 12.20
N ARG A 75 -7.35 3.82 13.02
CA ARG A 75 -6.13 4.03 13.83
C ARG A 75 -4.91 4.24 12.89
N LEU A 76 -4.80 3.47 11.80
CA LEU A 76 -3.63 3.62 10.90
C LEU A 76 -3.71 4.99 10.21
N LEU A 77 -4.88 5.35 9.72
CA LEU A 77 -5.04 6.59 8.90
C LEU A 77 -4.87 7.80 9.81
N LYS A 78 -5.23 7.71 11.09
CA LYS A 78 -4.97 8.82 12.05
C LYS A 78 -3.49 9.01 12.31
N HIS A 79 -2.69 7.95 12.16
CA HIS A 79 -1.26 8.00 12.52
C HIS A 79 -0.45 8.52 11.31
N MET A 80 -0.84 8.19 10.11
CA MET A 80 0.01 8.45 8.91
C MET A 80 0.06 9.95 8.60
N LYS A 81 1.23 10.61 8.76
CA LYS A 81 1.42 12.06 8.47
C LYS A 81 2.69 12.20 7.63
N HIS A 82 2.57 11.93 6.34
CA HIS A 82 3.72 11.93 5.41
C HIS A 82 3.20 12.33 4.03
N GLU A 83 4.01 13.11 3.28
CA GLU A 83 3.64 13.58 1.91
C GLU A 83 3.33 12.44 0.94
N ASN A 84 3.92 11.25 1.11
CA ASN A 84 3.75 10.13 0.16
C ASN A 84 2.94 8.98 0.76
N VAL A 85 2.13 9.22 1.80
CA VAL A 85 1.21 8.21 2.39
C VAL A 85 -0.13 8.90 2.58
N ILE A 86 -1.20 8.21 2.23
CA ILE A 86 -2.56 8.72 2.53
C ILE A 86 -2.60 9.22 3.99
N GLY A 87 -3.27 10.36 4.19
CA GLY A 87 -3.52 10.92 5.52
C GLY A 87 -4.96 11.41 5.65
N LEU A 88 -5.43 11.61 6.88
CA LEU A 88 -6.87 11.91 7.11
C LEU A 88 -7.02 13.42 7.21
N LEU A 89 -7.86 13.99 6.35
CA LEU A 89 -8.36 15.39 6.48
C LEU A 89 -9.48 15.47 7.53
N ASP A 90 -10.37 14.47 7.55
CA ASP A 90 -11.56 14.47 8.42
C ASP A 90 -11.99 13.02 8.63
N VAL A 91 -12.76 12.83 9.66
CA VAL A 91 -13.50 11.57 9.89
C VAL A 91 -14.76 11.96 10.62
N PHE A 92 -15.87 11.43 10.21
CA PHE A 92 -17.18 11.83 10.76
C PHE A 92 -18.13 10.63 10.77
N THR A 93 -19.17 10.78 11.57
CA THR A 93 -20.36 9.90 11.61
C THR A 93 -21.60 10.77 11.75
N PRO A 94 -22.70 10.48 11.04
CA PRO A 94 -23.96 11.18 11.33
C PRO A 94 -24.53 10.85 12.74
N ALA A 95 -24.14 9.72 13.32
CA ALA A 95 -24.58 9.34 14.69
C ALA A 95 -24.27 10.48 15.67
N ARG A 96 -25.17 10.74 16.62
CA ARG A 96 -24.93 11.75 17.69
C ARG A 96 -24.62 11.06 19.04
N SER A 97 -24.63 9.72 19.10
CA SER A 97 -24.29 8.96 20.34
C SER A 97 -23.57 7.65 19.99
N LEU A 98 -22.84 7.08 20.97
CA LEU A 98 -22.25 5.73 20.79
C LEU A 98 -23.36 4.76 20.41
N GLU A 99 -24.52 4.81 21.06
CA GLU A 99 -25.55 3.74 20.85
C GLU A 99 -25.97 3.66 19.38
N GLU A 100 -26.12 4.81 18.76
CA GLU A 100 -26.63 5.01 17.37
C GLU A 100 -25.46 4.89 16.36
N PHE A 101 -24.23 4.97 16.81
CA PHE A 101 -23.03 4.90 15.92
C PHE A 101 -23.06 3.64 15.08
N ASN A 102 -23.15 3.75 13.76
CA ASN A 102 -23.18 2.56 12.87
C ASN A 102 -22.60 2.88 11.49
N ASP A 103 -21.98 4.05 11.33
CA ASP A 103 -21.42 4.50 10.02
C ASP A 103 -20.16 5.30 10.30
N VAL A 104 -19.14 5.08 9.47
CA VAL A 104 -17.82 5.77 9.58
C VAL A 104 -17.50 6.31 8.19
N TYR A 105 -17.18 7.59 8.09
CA TYR A 105 -16.71 8.20 6.82
C TYR A 105 -15.32 8.76 6.99
N LEU A 106 -14.44 8.48 6.04
CA LEU A 106 -13.05 8.92 6.05
C LEU A 106 -12.83 9.88 4.86
N VAL A 107 -12.11 10.95 5.11
CA VAL A 107 -11.86 12.01 4.10
C VAL A 107 -10.36 12.18 3.88
N THR A 108 -9.93 12.24 2.64
CA THR A 108 -8.52 12.54 2.31
C THR A 108 -8.42 13.41 1.05
N HIS A 109 -7.20 13.87 0.72
CA HIS A 109 -6.95 14.70 -0.50
C HIS A 109 -7.21 13.85 -1.74
N LEU A 110 -7.88 14.40 -2.75
CA LEU A 110 -8.16 13.65 -3.98
C LEU A 110 -6.98 13.88 -4.93
N MET A 111 -6.35 12.78 -5.35
CA MET A 111 -5.17 12.82 -6.23
C MET A 111 -5.70 12.78 -7.65
N GLY A 112 -6.63 11.87 -7.95
CA GLY A 112 -7.42 11.87 -9.20
C GLY A 112 -7.10 10.74 -10.15
N ALA A 113 -6.03 9.98 -9.92
CA ALA A 113 -5.61 8.87 -10.81
C ALA A 113 -4.86 7.85 -9.97
N ASP A 114 -4.74 6.64 -10.48
CA ASP A 114 -3.78 5.67 -9.88
C ASP A 114 -2.66 5.43 -10.90
N LEU A 115 -1.66 4.68 -10.48
CA LEU A 115 -0.46 4.43 -11.31
C LEU A 115 -0.80 3.57 -12.54
N ASN A 116 -1.86 2.76 -12.58
CA ASN A 116 -2.34 2.20 -13.89
C ASN A 116 -2.76 3.32 -14.84
N ASN A 117 -3.63 4.22 -14.34
CA ASN A 117 -4.20 5.38 -15.07
C ASN A 117 -3.05 6.18 -15.67
N ILE A 118 -1.93 6.26 -14.96
CA ILE A 118 -0.68 6.93 -15.44
C ILE A 118 0.11 5.99 -16.38
N VAL A 119 0.11 5.49 -16.42
CA VAL A 119 0.85 4.37 -17.06
C VAL A 119 0.07 3.88 -18.31
N LYS A 120 -0.52 4.37 -18.71
CA LYS A 120 -1.42 4.19 -19.89
C LYS A 120 -0.84 3.12 -20.85
N LEU A 124 6.48 7.62 -20.18
CA LEU A 124 7.34 7.76 -18.99
C LEU A 124 8.83 7.74 -19.34
N THR A 125 9.51 8.84 -19.05
CA THR A 125 10.98 8.94 -19.18
C THR A 125 11.60 8.21 -17.99
N ASP A 126 12.92 8.07 -18.06
CA ASP A 126 13.75 7.56 -16.97
C ASP A 126 13.57 8.50 -15.80
N ASP A 127 13.52 9.82 -16.05
CA ASP A 127 13.35 10.84 -14.98
C ASP A 127 11.98 10.64 -14.32
N HIS A 128 10.94 10.25 -15.06
CA HIS A 128 9.60 10.02 -14.47
C HIS A 128 9.75 8.81 -13.56
N VAL A 129 10.44 7.76 -14.00
CA VAL A 129 10.50 6.52 -13.18
C VAL A 129 11.28 6.84 -11.91
N GLN A 130 12.35 7.60 -12.03
CA GLN A 130 13.12 7.98 -10.82
C GLN A 130 12.14 8.62 -9.82
N PHE A 131 11.36 9.59 -10.28
CA PHE A 131 10.57 10.44 -9.35
C PHE A 131 9.45 9.59 -8.71
N LEU A 132 8.84 8.74 -9.52
CA LEU A 132 7.70 7.91 -9.05
C LEU A 132 8.24 6.88 -8.05
N ILE A 133 9.35 6.21 -8.36
CA ILE A 133 9.81 5.13 -7.43
C ILE A 133 10.42 5.81 -6.21
N TYR A 134 11.12 6.95 -6.39
CA TYR A 134 11.67 7.72 -5.25
C TYR A 134 10.53 7.98 -4.24
N GLN A 135 9.38 8.42 -4.74
CA GLN A 135 8.24 8.79 -3.86
C GLN A 135 7.69 7.54 -3.14
N ILE A 136 7.52 6.44 -3.85
CA ILE A 136 7.10 5.14 -3.25
C ILE A 136 8.07 4.78 -2.14
N LEU A 137 9.37 4.82 -2.43
CA LEU A 137 10.36 4.41 -1.40
C LEU A 137 10.34 5.38 -0.22
N ARG A 138 10.14 6.67 -0.46
CA ARG A 138 10.13 7.67 0.61
C ARG A 138 8.91 7.42 1.53
N GLY A 139 7.75 7.11 0.97
CA GLY A 139 6.55 6.70 1.73
C GLY A 139 6.78 5.39 2.47
N LEU A 140 7.42 4.42 1.83
CA LEU A 140 7.65 3.09 2.43
C LEU A 140 8.66 3.20 3.55
N LYS A 141 9.69 4.05 3.43
CA LYS A 141 10.61 4.29 4.56
C LYS A 141 9.79 4.64 5.79
N TYR A 142 8.88 5.59 5.66
CA TYR A 142 8.02 6.11 6.74
C TYR A 142 7.18 4.96 7.32
N ILE A 143 6.47 4.27 6.46
CA ILE A 143 5.55 3.18 6.87
C ILE A 143 6.37 2.11 7.60
N HIS A 144 7.48 1.71 7.01
CA HIS A 144 8.28 0.64 7.59
C HIS A 144 8.84 1.08 8.94
N SER A 145 9.09 2.37 9.11
CA SER A 145 9.62 2.91 10.38
C SER A 145 8.59 2.80 11.52
N ALA A 146 7.30 2.70 11.20
CA ALA A 146 6.20 2.46 12.16
C ALA A 146 6.03 0.97 12.44
N ASP A 147 6.90 0.11 11.88
CA ASP A 147 6.76 -1.34 12.02
C ASP A 147 5.49 -1.82 11.33
N ILE A 148 5.12 -1.22 10.18
CA ILE A 148 3.94 -1.66 9.37
C ILE A 148 4.49 -2.28 8.09
N ILE A 149 3.84 -3.32 7.61
CA ILE A 149 4.10 -3.96 6.30
C ILE A 149 2.86 -3.68 5.47
N HIS A 150 3.03 -3.13 4.28
CA HIS A 150 1.86 -2.82 3.44
C HIS A 150 1.18 -4.12 3.01
N ARG A 151 1.95 -5.01 2.38
CA ARG A 151 1.59 -6.40 1.97
C ARG A 151 0.84 -6.41 0.66
N ASP A 152 0.35 -5.29 0.18
CA ASP A 152 -0.34 -5.35 -1.12
C ASP A 152 0.03 -4.12 -1.98
N LEU A 153 1.30 -3.80 -2.11
CA LEU A 153 1.66 -2.67 -2.95
C LEU A 153 1.47 -3.12 -4.40
N LYS A 154 0.81 -2.29 -5.19
CA LYS A 154 0.61 -2.56 -6.62
C LYS A 154 0.11 -1.27 -7.22
N PRO A 155 0.11 -1.14 -8.56
CA PRO A 155 -0.15 0.15 -9.18
C PRO A 155 -1.47 0.79 -8.71
N SER A 156 -2.50 -0.03 -8.54
CA SER A 156 -3.86 0.44 -8.18
C SER A 156 -3.92 0.89 -6.72
N ASN A 157 -2.89 0.63 -5.90
CA ASN A 157 -2.83 1.20 -4.52
C ASN A 157 -1.90 2.43 -4.45
N LEU A 158 -1.58 3.04 -5.60
CA LEU A 158 -0.72 4.23 -5.66
C LEU A 158 -1.49 5.34 -6.37
N ALA A 159 -1.80 6.39 -5.61
CA ALA A 159 -2.62 7.49 -6.10
C ALA A 159 -1.70 8.61 -6.58
N VAL A 160 -1.93 9.10 -7.79
CA VAL A 160 -1.01 10.08 -8.43
C VAL A 160 -1.84 11.29 -8.87
N ASN A 161 -1.36 12.51 -8.60
CA ASN A 161 -2.05 13.74 -9.06
C ASN A 161 -1.40 14.17 -10.38
N GLU A 162 -1.93 15.26 -10.94
CA GLU A 162 -1.48 15.80 -12.25
C GLU A 162 -0.01 16.24 -12.19
N ASP A 163 0.51 16.66 -11.03
CA ASP A 163 1.94 17.01 -10.79
C ASP A 163 2.81 15.72 -10.66
N CYS A 164 2.32 14.52 -10.90
CA CYS A 164 3.03 13.22 -10.66
C CYS A 164 3.48 13.10 -9.20
N GLU A 165 2.81 13.79 -8.28
CA GLU A 165 3.00 13.53 -6.83
C GLU A 165 2.24 12.24 -6.50
N LEU A 166 2.77 11.45 -5.61
CA LEU A 166 2.29 10.04 -5.40
C LEU A 166 2.07 9.84 -3.91
N LYS A 167 0.99 9.13 -3.58
CA LYS A 167 0.71 8.68 -2.21
C LYS A 167 0.44 7.18 -2.21
N ILE A 168 1.00 6.46 -1.23
CA ILE A 168 0.63 5.04 -0.97
C ILE A 168 -0.72 5.02 -0.25
N LEU A 169 -1.60 4.16 -0.68
CA LEU A 169 -2.82 3.83 0.08
C LEU A 169 -3.13 2.33 -0.02
N ASP A 170 -4.27 1.95 0.48
CA ASP A 170 -4.67 0.51 0.41
C ASP A 170 -6.19 0.46 0.26
N PHE A 171 -6.64 0.08 -0.92
CA PHE A 171 -8.09 -0.06 -1.18
C PHE A 171 -8.66 -1.29 -0.48
N GLY A 172 -7.83 -2.24 -0.05
CA GLY A 172 -8.33 -3.58 0.31
C GLY A 172 -8.87 -4.30 -0.93
N ALA A 186 -4.33 -8.20 -10.88
CA ALA A 186 -4.23 -9.33 -9.94
C ALA A 186 -3.19 -9.01 -8.87
N THR A 187 -3.55 -9.11 -7.59
CA THR A 187 -2.64 -8.85 -6.44
C THR A 187 -1.39 -9.68 -6.60
N ARG A 188 -1.61 -10.95 -7.04
CA ARG A 188 -0.53 -11.94 -7.00
C ARG A 188 0.63 -11.45 -7.87
N TRP A 189 0.40 -10.61 -8.90
CA TRP A 189 1.50 -10.28 -9.83
C TRP A 189 2.64 -9.56 -9.13
N TYR A 190 2.36 -8.78 -8.08
CA TYR A 190 3.38 -7.95 -7.38
C TYR A 190 3.76 -8.58 -6.04
N ARG A 191 3.28 -9.76 -5.77
CA ARG A 191 3.54 -10.41 -4.48
C ARG A 191 4.91 -11.10 -4.45
N ALA A 192 5.57 -10.99 -3.30
CA ALA A 192 6.83 -11.68 -2.98
C ALA A 192 6.66 -13.19 -3.07
N PRO A 193 7.72 -13.87 -3.57
CA PRO A 193 7.65 -15.32 -3.77
C PRO A 193 7.44 -16.09 -2.46
N GLU A 194 7.97 -15.56 -1.35
CA GLU A 194 7.85 -16.17 0.00
C GLU A 194 6.40 -16.08 0.45
N ILE A 195 5.64 -15.10 -0.04
CA ILE A 195 4.17 -15.08 0.21
C ILE A 195 3.42 -16.11 -0.65
N MET A 196 3.76 -16.28 -1.92
CA MET A 196 3.20 -17.36 -2.79
C MET A 196 3.50 -18.73 -2.13
N LEU A 197 4.65 -18.87 -1.46
CA LEU A 197 5.08 -20.13 -0.80
C LEU A 197 4.36 -20.30 0.56
N ASN A 198 3.68 -19.26 1.03
CA ASN A 198 2.90 -19.29 2.29
C ASN A 198 3.86 -19.33 3.48
N TRP A 199 4.99 -18.63 3.41
CA TRP A 199 5.88 -18.51 4.60
C TRP A 199 5.17 -17.59 5.59
N MET A 200 4.92 -18.06 6.79
CA MET A 200 4.25 -17.18 7.77
C MET A 200 5.19 -16.13 8.38
N HIS A 201 6.51 -16.11 8.16
CA HIS A 201 7.44 -15.21 8.89
C HIS A 201 8.06 -14.16 7.95
N TYR A 202 7.42 -13.86 6.86
CA TYR A 202 7.92 -12.87 5.88
C TYR A 202 8.10 -11.51 6.59
N ASN A 203 8.92 -10.63 6.01
CA ASN A 203 9.47 -9.38 6.65
C ASN A 203 9.04 -8.17 5.80
N GLN A 204 9.45 -6.97 6.19
CA GLN A 204 9.09 -5.76 5.42
C GLN A 204 9.53 -5.85 3.97
N THR A 205 10.58 -6.62 3.66
CA THR A 205 11.11 -6.55 2.28
C THR A 205 10.13 -7.20 1.28
N VAL A 206 9.04 -7.83 1.72
CA VAL A 206 7.95 -8.19 0.74
C VAL A 206 7.48 -6.95 -0.02
N ASP A 207 7.47 -5.79 0.62
CA ASP A 207 7.06 -4.53 -0.03
C ASP A 207 8.11 -4.08 -1.06
N ILE A 208 9.38 -4.32 -0.76
CA ILE A 208 10.50 -3.93 -1.68
C ILE A 208 10.42 -4.81 -2.93
N TRP A 209 10.09 -6.09 -2.80
CA TRP A 209 9.77 -6.96 -3.95
C TRP A 209 8.73 -6.29 -4.84
N SER A 210 7.63 -5.88 -4.25
CA SER A 210 6.51 -5.24 -4.98
C SER A 210 7.02 -4.00 -5.70
N VAL A 211 7.82 -3.17 -5.04
CA VAL A 211 8.35 -1.93 -5.67
C VAL A 211 9.21 -2.32 -6.87
N GLY A 212 10.01 -3.35 -6.71
CA GLY A 212 10.78 -3.94 -7.83
C GLY A 212 9.90 -4.29 -8.99
N CYS A 213 8.79 -5.00 -8.75
CA CYS A 213 7.88 -5.43 -9.81
C CYS A 213 7.28 -4.16 -10.49
N ILE A 214 6.90 -3.18 -9.68
CA ILE A 214 6.30 -1.92 -10.23
C ILE A 214 7.34 -1.18 -11.05
N MET A 215 8.55 -0.99 -10.54
CA MET A 215 9.62 -0.28 -11.26
C MET A 215 9.90 -0.98 -12.61
N ALA A 216 10.05 -2.31 -12.63
CA ALA A 216 10.25 -3.05 -13.89
C ALA A 216 9.12 -2.74 -14.87
N GLU A 217 7.89 -2.69 -14.39
CA GLU A 217 6.72 -2.45 -15.27
C GLU A 217 6.73 -1.00 -15.80
N LEU A 218 7.17 -0.03 -15.02
CA LEU A 218 7.28 1.37 -15.51
C LEU A 218 8.39 1.47 -16.54
N LEU A 219 9.48 0.73 -16.40
CA LEU A 219 10.61 0.84 -17.35
C LEU A 219 10.27 0.10 -18.66
N THR A 220 9.62 -1.06 -18.62
CA THR A 220 9.46 -1.95 -19.80
C THR A 220 8.09 -1.80 -20.42
N GLY A 221 7.14 -1.19 -19.71
CA GLY A 221 5.71 -1.18 -20.07
C GLY A 221 5.02 -2.54 -20.09
N ARG A 222 5.56 -3.60 -19.48
CA ARG A 222 4.89 -4.94 -19.35
C ARG A 222 4.88 -5.41 -17.88
N THR A 223 3.88 -6.16 -17.48
CA THR A 223 3.86 -6.88 -16.18
C THR A 223 5.10 -7.75 -16.11
N LEU A 224 5.90 -7.61 -15.07
CA LEU A 224 7.10 -8.46 -15.00
C LEU A 224 6.68 -9.92 -14.88
N PHE A 225 5.79 -10.25 -13.94
CA PHE A 225 5.42 -11.63 -13.53
C PHE A 225 3.91 -11.82 -13.54
N PRO A 226 3.33 -11.98 -14.71
CA PRO A 226 1.87 -12.03 -14.82
C PRO A 226 1.36 -13.45 -14.59
N GLY A 227 1.54 -13.99 -13.40
CA GLY A 227 1.14 -15.39 -13.12
C GLY A 227 -0.39 -15.58 -13.08
N THR A 228 -0.86 -16.76 -13.45
CA THR A 228 -2.31 -17.13 -13.50
C THR A 228 -2.80 -17.71 -12.17
N ASP A 229 -1.91 -18.05 -11.24
CA ASP A 229 -2.22 -18.75 -9.95
C ASP A 229 -0.94 -18.71 -9.12
N HIS A 230 -0.94 -19.19 -7.89
CA HIS A 230 0.23 -19.09 -6.99
C HIS A 230 1.41 -19.94 -7.51
N ILE A 231 1.13 -21.05 -8.15
CA ILE A 231 2.15 -21.99 -8.70
C ILE A 231 2.77 -21.38 -9.98
N ASP A 232 1.96 -20.87 -10.88
CA ASP A 232 2.41 -20.19 -12.11
C ASP A 232 3.25 -18.95 -11.72
N GLN A 233 2.82 -18.20 -10.72
CA GLN A 233 3.46 -16.96 -10.30
C GLN A 233 4.87 -17.32 -9.82
N LEU A 234 5.01 -18.32 -8.94
CA LEU A 234 6.34 -18.72 -8.41
C LEU A 234 7.27 -19.17 -9.56
N LYS A 235 6.78 -19.94 -10.54
CA LYS A 235 7.58 -20.37 -11.71
C LYS A 235 8.06 -19.18 -12.55
N LEU A 236 7.24 -18.19 -12.79
CA LEU A 236 7.67 -16.98 -13.55
C LEU A 236 8.76 -16.30 -12.73
N ILE A 237 8.58 -16.19 -11.41
CA ILE A 237 9.60 -15.52 -10.55
C ILE A 237 10.94 -16.27 -10.62
N LEU A 238 10.91 -17.58 -10.41
CA LEU A 238 12.19 -18.35 -10.30
C LEU A 238 12.92 -18.38 -11.64
N ARG A 239 12.18 -18.17 -12.74
CA ARG A 239 12.80 -18.13 -14.08
C ARG A 239 13.74 -16.93 -14.16
N LEU A 240 13.39 -15.80 -13.59
CA LEU A 240 14.27 -14.59 -13.59
C LEU A 240 15.32 -14.69 -12.49
N VAL A 241 14.91 -15.04 -11.28
CA VAL A 241 15.81 -14.83 -10.13
C VAL A 241 16.54 -16.12 -9.78
N GLY A 242 16.30 -17.20 -10.51
CA GLY A 242 16.87 -18.53 -10.24
C GLY A 242 16.17 -19.27 -9.12
N THR A 243 16.32 -20.58 -9.09
CA THR A 243 15.78 -21.42 -8.00
C THR A 243 16.65 -21.09 -6.79
N PRO A 244 16.17 -21.36 -5.56
CA PRO A 244 16.97 -21.13 -4.37
C PRO A 244 18.37 -21.76 -4.36
N GLY A 245 19.32 -20.99 -3.90
CA GLY A 245 20.66 -21.45 -3.57
C GLY A 245 20.65 -22.14 -2.22
N ALA A 246 21.75 -22.77 -1.87
CA ALA A 246 21.88 -23.59 -0.66
C ALA A 246 21.58 -22.75 0.58
N GLU A 247 22.08 -21.52 0.67
CA GLU A 247 21.96 -20.66 1.88
C GLU A 247 20.46 -20.43 2.09
N LEU A 248 19.72 -20.14 1.02
CA LEU A 248 18.28 -19.89 1.18
C LEU A 248 17.57 -21.24 1.51
N LEU A 249 17.91 -22.34 0.85
CA LEU A 249 17.21 -23.64 1.09
C LEU A 249 17.28 -24.00 2.57
N LYS A 250 18.39 -23.68 3.25
CA LYS A 250 18.55 -24.09 4.66
C LYS A 250 17.58 -23.30 5.54
N LYS A 251 16.95 -22.25 5.03
CA LYS A 251 16.03 -21.40 5.88
C LYS A 251 14.58 -21.87 5.75
N ILE A 252 14.33 -22.89 4.92
CA ILE A 252 12.95 -23.35 4.55
C ILE A 252 12.59 -24.52 5.45
N SER A 253 11.68 -24.28 6.39
CA SER A 253 11.30 -25.30 7.39
C SER A 253 10.42 -26.38 6.72
N SER A 254 9.47 -25.97 5.91
CA SER A 254 8.47 -26.87 5.28
C SER A 254 9.12 -27.91 4.36
N GLU A 255 8.92 -29.19 4.70
CA GLU A 255 9.32 -30.34 3.87
C GLU A 255 8.55 -30.27 2.54
N SER A 256 7.26 -29.95 2.56
CA SER A 256 6.50 -30.00 1.28
C SER A 256 6.99 -28.85 0.40
N ALA A 257 7.27 -27.67 0.97
CA ALA A 257 7.74 -26.52 0.17
C ALA A 257 9.08 -26.89 -0.49
N ARG A 258 9.99 -27.42 0.29
CA ARG A 258 11.31 -27.85 -0.21
C ARG A 258 11.16 -28.98 -1.25
N ASN A 259 10.38 -30.02 -0.96
CA ASN A 259 10.16 -31.13 -1.92
C ASN A 259 9.76 -30.52 -3.25
N TYR A 260 8.86 -29.55 -3.21
CA TYR A 260 8.28 -28.97 -4.45
C TYR A 260 9.35 -28.14 -5.20
N ILE A 261 9.97 -27.21 -4.51
CA ILE A 261 10.91 -26.24 -5.15
C ILE A 261 12.12 -26.99 -5.71
N GLN A 262 12.64 -27.92 -4.93
CA GLN A 262 13.89 -28.65 -5.26
C GLN A 262 13.63 -29.73 -6.30
N SER A 263 12.35 -30.03 -6.57
CA SER A 263 11.91 -30.98 -7.63
C SER A 263 11.73 -30.27 -8.96
N LEU A 264 11.77 -28.93 -8.99
CA LEU A 264 11.61 -28.18 -10.26
C LEU A 264 12.94 -28.31 -11.02
N THR A 265 12.92 -28.07 -12.33
CA THR A 265 14.15 -27.95 -13.13
C THR A 265 14.89 -26.75 -12.54
N GLN A 266 16.11 -26.97 -12.07
CA GLN A 266 16.89 -25.92 -11.37
C GLN A 266 17.24 -24.85 -12.42
N MET A 267 17.29 -23.60 -11.99
CA MET A 267 17.42 -22.45 -12.91
C MET A 267 18.38 -21.44 -12.32
N PRO A 268 19.30 -20.91 -13.14
CA PRO A 268 20.21 -19.87 -12.66
C PRO A 268 19.49 -18.52 -12.61
N LYS A 269 20.01 -17.64 -11.77
CA LYS A 269 19.63 -16.23 -11.86
C LYS A 269 19.98 -15.68 -13.25
N MET A 270 19.04 -15.02 -13.94
CA MET A 270 19.34 -14.41 -15.27
C MET A 270 20.22 -13.17 -15.09
N ASN A 271 20.82 -12.72 -16.19
CA ASN A 271 21.58 -11.46 -16.25
C ASN A 271 20.57 -10.33 -16.42
N PHE A 272 20.35 -9.56 -15.37
CA PHE A 272 19.36 -8.45 -15.35
C PHE A 272 19.75 -7.43 -16.44
N ALA A 273 21.06 -7.28 -16.67
CA ALA A 273 21.56 -6.36 -17.71
C ALA A 273 21.00 -6.79 -19.08
N ASN A 274 20.93 -8.09 -19.39
CA ASN A 274 20.30 -8.62 -20.63
C ASN A 274 18.79 -8.48 -20.58
N VAL A 275 18.18 -8.91 -19.49
CA VAL A 275 16.69 -8.88 -19.42
C VAL A 275 16.18 -7.43 -19.60
N PHE A 276 16.74 -6.43 -18.91
CA PHE A 276 16.21 -5.05 -18.89
C PHE A 276 17.04 -4.16 -19.83
N ILE A 277 17.74 -4.78 -20.77
CA ILE A 277 18.62 -4.06 -21.74
C ILE A 277 17.81 -2.92 -22.38
N GLY A 278 18.43 -1.75 -22.36
CA GLY A 278 17.83 -0.50 -22.82
C GLY A 278 17.54 0.41 -21.67
N ALA A 279 17.28 -0.12 -20.47
CA ALA A 279 17.05 0.71 -19.28
C ALA A 279 18.36 1.34 -18.83
N ASN A 280 18.24 2.48 -18.16
CA ASN A 280 19.35 3.13 -17.45
C ASN A 280 20.02 2.05 -16.60
N PRO A 281 21.30 1.72 -16.88
CA PRO A 281 21.99 0.71 -16.10
C PRO A 281 21.87 0.94 -14.60
N LEU A 282 21.75 2.20 -14.18
CA LEU A 282 21.62 2.51 -12.72
C LEU A 282 20.25 2.00 -12.25
N ALA A 283 19.23 2.08 -13.11
CA ALA A 283 17.90 1.53 -12.76
C ALA A 283 18.03 0.01 -12.62
N VAL A 284 18.72 -0.65 -13.58
CA VAL A 284 18.91 -2.13 -13.58
C VAL A 284 19.62 -2.53 -12.29
N ASP A 285 20.66 -1.81 -11.89
CA ASP A 285 21.43 -2.13 -10.67
C ASP A 285 20.50 -2.13 -9.44
N LEU A 286 19.68 -1.08 -9.30
CA LEU A 286 18.70 -1.04 -8.20
C LEU A 286 17.70 -2.21 -8.33
N LEU A 287 17.13 -2.51 -9.50
CA LEU A 287 16.21 -3.65 -9.67
C LEU A 287 16.84 -4.93 -9.13
N GLU A 288 18.12 -5.16 -9.40
CA GLU A 288 18.79 -6.38 -8.91
C GLU A 288 18.83 -6.38 -7.38
N LYS A 289 18.92 -5.20 -6.75
CA LYS A 289 19.04 -5.19 -5.28
C LYS A 289 17.66 -5.45 -4.67
N MET A 290 16.60 -5.02 -5.35
CA MET A 290 15.19 -5.22 -4.89
C MET A 290 14.71 -6.66 -5.15
N LEU A 291 15.03 -7.24 -6.30
CA LEU A 291 14.45 -8.53 -6.67
C LEU A 291 15.40 -9.70 -6.37
N VAL A 292 16.22 -9.58 -5.35
CA VAL A 292 17.00 -10.73 -4.79
C VAL A 292 15.98 -11.74 -4.26
N LEU A 293 16.12 -13.03 -4.57
CA LEU A 293 15.15 -14.04 -4.11
C LEU A 293 15.12 -14.14 -2.58
N ASP A 294 16.27 -14.25 -1.91
CA ASP A 294 16.32 -14.35 -0.43
C ASP A 294 15.95 -12.98 0.15
N SER A 295 14.83 -12.90 0.86
CA SER A 295 14.30 -11.62 1.40
C SER A 295 15.31 -11.02 2.37
N ASP A 296 16.15 -11.85 3.00
CA ASP A 296 17.18 -11.36 3.93
C ASP A 296 18.24 -10.54 3.17
N LYS A 297 18.34 -10.66 1.85
CA LYS A 297 19.43 -10.00 1.09
C LYS A 297 18.89 -8.82 0.29
N ARG A 298 17.57 -8.57 0.30
CA ARG A 298 16.95 -7.42 -0.42
C ARG A 298 17.33 -6.10 0.25
N ILE A 299 17.45 -5.07 -0.58
CA ILE A 299 17.75 -3.69 -0.11
C ILE A 299 16.55 -3.22 0.71
N THR A 300 16.77 -2.44 1.77
CA THR A 300 15.61 -1.85 2.49
C THR A 300 15.17 -0.56 1.76
N ALA A 301 14.06 0.00 2.19
CA ALA A 301 13.59 1.31 1.68
C ALA A 301 14.64 2.38 1.98
N ALA A 302 15.17 2.46 3.19
CA ALA A 302 16.13 3.54 3.53
C ALA A 302 17.42 3.41 2.71
N GLN A 303 17.93 2.20 2.54
CA GLN A 303 19.10 1.95 1.68
C GLN A 303 18.84 2.34 0.22
N ALA A 304 17.65 2.03 -0.29
CA ALA A 304 17.27 2.26 -1.70
C ALA A 304 17.23 3.76 -1.96
N LEU A 305 16.77 4.57 -1.01
CA LEU A 305 16.71 6.03 -1.19
C LEU A 305 18.12 6.61 -1.40
N ALA A 306 19.14 6.02 -0.80
CA ALA A 306 20.54 6.46 -0.91
C ALA A 306 21.17 5.90 -2.19
N HIS A 307 20.46 5.09 -2.99
CA HIS A 307 21.02 4.52 -4.24
C HIS A 307 21.27 5.64 -5.27
N ALA A 308 22.39 5.58 -6.01
CA ALA A 308 22.77 6.62 -7.00
C ALA A 308 21.67 6.91 -8.01
N TYR A 309 20.77 5.96 -8.31
CA TYR A 309 19.64 6.19 -9.26
C TYR A 309 18.77 7.39 -8.84
N PHE A 310 18.64 7.66 -7.54
CA PHE A 310 17.89 8.80 -6.96
C PHE A 310 18.77 10.02 -6.61
N ALA A 311 19.99 10.17 -7.13
CA ALA A 311 20.85 11.35 -6.80
C ALA A 311 20.13 12.68 -7.10
N GLN A 312 19.18 12.75 -8.02
CA GLN A 312 18.52 14.04 -8.35
C GLN A 312 17.46 14.37 -7.30
N TYR A 313 16.97 13.37 -6.54
CA TYR A 313 15.85 13.54 -5.59
C TYR A 313 16.25 13.36 -4.14
N HIS A 314 17.23 12.51 -3.86
CA HIS A 314 17.55 12.05 -2.47
C HIS A 314 17.94 13.23 -1.62
N ASP A 315 17.30 13.40 -0.49
CA ASP A 315 17.79 14.33 0.54
C ASP A 315 17.58 13.69 1.90
N PRO A 316 18.65 13.19 2.53
CA PRO A 316 18.51 12.42 3.76
C PRO A 316 17.91 13.29 4.87
N ASP A 317 17.85 14.60 4.68
CA ASP A 317 17.27 15.50 5.71
C ASP A 317 15.76 15.68 5.51
N ASP A 318 15.22 15.15 4.40
CA ASP A 318 13.81 15.36 3.97
C ASP A 318 13.18 13.99 3.64
N GLU A 319 13.51 12.97 4.42
CA GLU A 319 13.00 11.60 4.26
C GLU A 319 12.66 11.16 5.68
N PRO A 320 11.61 11.73 6.29
CA PRO A 320 11.31 11.48 7.69
C PRO A 320 10.83 10.07 8.01
N VAL A 321 10.92 9.74 9.30
CA VAL A 321 10.43 8.45 9.85
C VAL A 321 9.18 8.79 10.66
N ALA A 322 8.44 7.77 11.04
CA ALA A 322 7.15 7.88 11.72
C ALA A 322 7.35 7.97 13.23
N ASP A 323 6.38 8.63 13.86
CA ASP A 323 6.19 8.56 15.34
C ASP A 323 5.85 7.12 15.68
N PRO A 324 6.19 6.70 16.93
CA PRO A 324 5.85 5.35 17.40
C PRO A 324 4.38 5.01 17.14
N TYR A 325 4.13 3.83 16.59
CA TYR A 325 2.78 3.32 16.23
C TYR A 325 2.43 2.12 17.11
N ASP A 326 1.45 2.33 17.99
CA ASP A 326 0.96 1.25 18.89
C ASP A 326 -0.01 0.35 18.14
N GLN A 327 0.46 -0.84 17.79
CA GLN A 327 -0.35 -1.90 17.18
C GLN A 327 -0.64 -3.06 18.15
N SER A 328 -0.53 -2.82 19.46
CA SER A 328 -0.75 -3.90 20.46
C SER A 328 -2.19 -4.47 20.33
N PHE A 329 -3.15 -3.64 19.86
CA PHE A 329 -4.57 -4.02 19.71
C PHE A 329 -4.70 -5.24 18.80
N GLU A 330 -3.78 -5.37 17.85
CA GLU A 330 -3.83 -6.54 16.96
C GLU A 330 -3.82 -7.84 17.76
N SER A 331 -3.22 -7.94 18.94
CA SER A 331 -3.21 -9.26 19.65
C SER A 331 -4.54 -9.46 20.41
N ARG A 332 -5.44 -8.46 20.43
CA ARG A 332 -6.63 -8.59 21.29
C ARG A 332 -7.78 -9.30 20.60
N ASP A 333 -8.59 -10.01 21.39
CA ASP A 333 -9.86 -10.72 21.06
C ASP A 333 -10.98 -10.01 21.82
N LEU A 334 -11.57 -8.99 21.19
CA LEU A 334 -12.63 -8.18 21.87
C LEU A 334 -14.01 -8.48 21.26
N LEU A 335 -15.03 -8.08 21.99
CA LEU A 335 -16.43 -8.07 21.52
C LEU A 335 -16.62 -6.98 20.47
N ILE A 336 -17.60 -7.16 19.60
CA ILE A 336 -17.97 -6.14 18.58
C ILE A 336 -18.19 -4.81 19.29
N ASP A 337 -18.94 -4.81 20.42
CA ASP A 337 -19.25 -3.54 21.12
C ASP A 337 -17.98 -2.84 21.60
N GLU A 338 -16.96 -3.63 21.95
CA GLU A 338 -15.68 -3.05 22.43
C GLU A 338 -14.94 -2.39 21.26
N TRP A 339 -14.83 -3.07 20.13
CA TRP A 339 -14.20 -2.53 18.90
C TRP A 339 -14.97 -1.26 18.48
N LYS A 340 -16.27 -1.32 18.58
CA LYS A 340 -17.12 -0.16 18.22
C LYS A 340 -16.84 1.03 19.13
N SER A 341 -16.78 0.84 20.43
CA SER A 341 -16.54 1.96 21.37
C SER A 341 -15.14 2.57 21.18
N LEU A 342 -14.11 1.71 20.99
CA LEU A 342 -12.74 2.17 20.69
C LEU A 342 -12.78 3.03 19.43
N THR A 343 -13.49 2.61 18.40
CA THR A 343 -13.57 3.31 17.08
C THR A 343 -14.25 4.64 17.34
N TYR A 344 -15.34 4.60 18.08
CA TYR A 344 -16.12 5.82 18.44
C TYR A 344 -15.22 6.83 19.15
N ASP A 345 -14.43 6.41 20.11
CA ASP A 345 -13.49 7.30 20.84
C ASP A 345 -12.47 7.91 19.86
N GLU A 346 -11.97 7.11 18.93
CA GLU A 346 -11.02 7.57 17.86
C GLU A 346 -11.66 8.61 16.92
N VAL A 347 -12.95 8.50 16.61
CA VAL A 347 -13.69 9.53 15.80
C VAL A 347 -13.71 10.84 16.60
N ILE A 348 -14.07 10.76 17.89
CA ILE A 348 -14.28 11.95 18.77
C ILE A 348 -12.97 12.68 19.02
N SER A 349 -11.85 11.97 19.20
CA SER A 349 -10.55 12.55 19.55
C SER A 349 -9.86 13.09 18.28
N PHE A 350 -10.43 12.88 17.09
CA PHE A 350 -9.73 13.26 15.84
C PHE A 350 -9.45 14.78 15.83
N VAL A 351 -8.22 15.18 15.52
CA VAL A 351 -7.88 16.64 15.33
C VAL A 351 -7.37 16.84 13.92
N PRO A 352 -8.07 17.63 13.10
CA PRO A 352 -7.66 17.78 11.70
C PRO A 352 -6.27 18.39 11.55
N PRO A 353 -5.57 18.21 10.42
CA PRO A 353 -4.24 18.79 10.24
C PRO A 353 -4.46 20.29 10.02
N PRO A 354 -3.49 21.16 10.37
CA PRO A 354 -3.56 22.57 10.01
C PRO A 354 -3.04 22.73 8.57
C1 I46 B . 10.86 -17.88 -1.95
C2 I46 B . 12.16 -19.50 -0.78
C3 I46 B . 10.55 -18.85 -2.89
C4 I46 B . 11.89 -20.48 -1.74
C5 I46 B . 12.42 -18.24 3.74
C6 I46 B . 12.06 -19.16 4.70
C7 I46 B . 10.70 -19.10 2.35
C8 I46 B . 12.45 -15.99 -0.30
C9 I46 B . 11.58 -18.23 -0.82
C10 I46 B . 11.13 -20.09 -2.79
C11 I46 B . 11.74 -18.21 2.52
C12 I46 B . 10.41 -19.96 3.40
C13 I46 B . 11.98 -17.20 0.14
C14 I46 B . 12.10 -17.18 1.51
N15 I46 B . 12.83 -15.29 0.76
N16 I46 B . 11.02 -20.00 4.55
N17 I46 B . 12.63 -16.00 1.91
F18 I46 B . 10.85 -21.00 -3.74
F19 I46 B . 9.36 -20.78 3.31
N1 HYW C . -4.96 1.13 4.96
N3 HYW C . -7.95 3.93 2.72
C4 HYW C . -6.91 -0.26 4.60
C5 HYW C . -7.84 -1.17 5.07
C6 HYW C . -7.78 -1.64 6.38
C7 HYW C . -6.75 -1.18 7.17
C8 HYW C . -5.80 -0.29 6.72
C10 HYW C . -1.51 2.18 4.64
C13 HYW C . -0.84 0.88 5.07
C15 HYW C . -8.31 4.56 1.46
C17 HYW C . -9.56 4.22 -0.72
C20 HYW C . -9.15 5.81 1.62
C21 HYW C . -9.45 6.37 2.86
C22 HYW C . -10.23 7.52 2.91
C24 HYW C . -10.39 7.53 0.51
C26 HYW C . -9.11 7.36 -4.00
C28 HYW C . -8.25 8.73 -5.95
C9 HYW C . -8.78 -2.65 6.91
C3 HYW C . -5.90 0.18 5.43
N HYW C . -3.60 0.96 5.20
C2 HYW C . -3.02 2.01 4.65
C12 HYW C . -1.06 2.55 3.23
C11 HYW C . -1.07 3.30 5.59
C1 HYW C . -3.97 2.87 4.06
C HYW C . -5.16 2.32 4.29
N2 HYW C . -6.42 2.77 3.94
C14 HYW C . -6.69 3.50 2.85
O1 HYW C . -5.80 3.80 2.04
C16 HYW C . -8.93 3.56 0.50
C18 HYW C . -9.16 5.69 -0.81
O HYW C . -9.76 6.27 -1.98
C25 HYW C . -9.03 7.26 -2.59
C33 HYW C . -8.24 8.14 -1.87
C32 HYW C . -7.54 9.16 -2.51
C27 HYW C . -7.62 9.25 -3.91
N5 HYW C . -7.05 10.11 -4.74
N6 HYW C . -7.46 9.76 -6.02
C29 HYW C . -8.95 7.99 -7.04
C31 HYW C . -8.44 8.37 -8.43
C30 HYW C . -10.47 8.17 -6.94
N4 HYW C . -8.37 8.37 -4.63
C19 HYW C . -9.54 6.43 0.45
C23 HYW C . -10.66 8.11 1.74
#